data_4ZDU
#
_entry.id   4ZDU
#
_cell.length_a   110.250
_cell.length_b   110.250
_cell.length_c   204.361
_cell.angle_alpha   90.000
_cell.angle_beta   90.000
_cell.angle_gamma   120.000
#
_symmetry.space_group_name_H-M   'H 3 2'
#
loop_
_entity.id
_entity.type
_entity.pdbx_description
1 polymer 'Importin subunit alpha-1'
2 polymer 'Peptide from Nucleoprotein'
3 water water
#
loop_
_entity_poly.entity_id
_entity_poly.type
_entity_poly.pdbx_seq_one_letter_code
_entity_poly.pdbx_strand_id
1 'polypeptide(L)'
;MGTVNWSVEDIVKGINSNNLESQLQATQAARKLLSREKQPPIDNIIRAGLIPKFVSFLGKTDCSPIQFESAWALTNIASG
TSEQTKAVVDGGAIPAFISLLASPHAHISEQAVWALGNIAGDGSAFRDLVIKHGAIDPLLALLAVPDLSTLACGYLRNLT
WTLSNLCRNKNPAPPLDAVEQILPTLVRLLHHNDPEVLADSCWAISYLTDGPNERIEMVVKKGVVPQLVKLLGATELPIV
TPALRAIGNIVTGTDEQTQKVIDAGALAVFPSLLTNPKTNIQKEATWTMSNITAGRQDQIQQVVNHGLVPFLVGVLSKAD
FKTQKEAAWAITNYTSGGTVEQIVYLVHCGIIEPLMNLLSAKDTKIIQVILDAISNIFQAAEKLGETEKLSIMIEECGGL
DKIEALQRHENESVYKASLNLIEKYFSV
;
A
2 'polypeptide(L)' GSASQGTKRSYEQMET B
#
# COMPACT_ATOMS: atom_id res chain seq x y z
N TRP A 6 -28.80 0.91 34.36
CA TRP A 6 -30.07 0.34 33.93
C TRP A 6 -29.88 -1.03 33.30
N SER A 7 -30.88 -1.90 33.45
CA SER A 7 -30.90 -3.16 32.75
C SER A 7 -31.67 -2.99 31.44
N VAL A 8 -31.62 -4.02 30.58
CA VAL A 8 -32.16 -3.93 29.23
C VAL A 8 -33.63 -3.51 29.21
N GLU A 9 -34.43 -4.13 30.07
CA GLU A 9 -35.86 -3.89 30.09
C GLU A 9 -36.23 -2.46 30.48
N ASP A 10 -35.48 -1.89 31.41
CA ASP A 10 -35.69 -0.51 31.82
C ASP A 10 -35.51 0.44 30.63
N ILE A 11 -34.45 0.20 29.85
CA ILE A 11 -34.13 1.02 28.69
C ILE A 11 -35.17 0.89 27.59
N VAL A 12 -35.59 -0.35 27.34
CA VAL A 12 -36.58 -0.65 26.33
C VAL A 12 -37.87 0.13 26.60
N LYS A 13 -38.28 0.16 27.86
CA LYS A 13 -39.50 0.87 28.24
C LYS A 13 -39.36 2.37 28.00
N GLY A 14 -38.23 2.94 28.42
CA GLY A 14 -37.97 4.36 28.27
C GLY A 14 -37.86 4.79 26.82
N ILE A 15 -37.21 3.97 26.01
CA ILE A 15 -37.00 4.29 24.60
C ILE A 15 -38.32 4.18 23.83
N ASN A 16 -39.16 3.23 24.22
CA ASN A 16 -40.42 2.99 23.54
C ASN A 16 -41.57 3.87 24.03
N SER A 17 -41.28 4.76 24.97
CA SER A 17 -42.30 5.70 25.44
C SER A 17 -42.40 6.86 24.45
N ASN A 18 -43.44 7.68 24.61
CA ASN A 18 -43.61 8.84 23.74
C ASN A 18 -43.08 10.11 24.38
N ASN A 19 -42.44 9.96 25.53
CA ASN A 19 -41.81 11.08 26.22
C ASN A 19 -40.38 11.26 25.73
N LEU A 20 -40.10 12.39 25.09
CA LEU A 20 -38.79 12.61 24.47
C LEU A 20 -37.64 12.54 25.47
N GLU A 21 -37.84 13.10 26.66
CA GLU A 21 -36.79 13.11 27.67
C GLU A 21 -36.60 11.74 28.31
N SER A 22 -37.69 10.96 28.38
CA SER A 22 -37.60 9.57 28.79
C SER A 22 -36.77 8.79 27.77
N GLN A 23 -37.02 9.06 26.49
CA GLN A 23 -36.25 8.45 25.41
C GLN A 23 -34.78 8.84 25.48
N LEU A 24 -34.52 10.10 25.82
CA LEU A 24 -33.15 10.59 25.92
C LEU A 24 -32.41 9.93 27.08
N GLN A 25 -33.05 9.92 28.25
CA GLN A 25 -32.49 9.29 29.44
C GLN A 25 -32.14 7.83 29.19
N ALA A 26 -33.04 7.13 28.47
CA ALA A 26 -32.84 5.71 28.21
C ALA A 26 -31.70 5.49 27.23
N THR A 27 -31.60 6.33 26.20
CA THR A 27 -30.54 6.19 25.22
C THR A 27 -29.18 6.46 25.88
N GLN A 28 -29.15 7.42 26.81
CA GLN A 28 -27.95 7.70 27.60
C GLN A 28 -27.52 6.48 28.41
N ALA A 29 -28.50 5.75 28.91
CA ALA A 29 -28.22 4.55 29.71
C ALA A 29 -27.70 3.42 28.83
N ALA A 30 -28.26 3.30 27.63
CA ALA A 30 -27.83 2.28 26.68
C ALA A 30 -26.42 2.57 26.19
N ARG A 31 -26.07 3.85 26.15
CA ARG A 31 -24.74 4.27 25.74
C ARG A 31 -23.70 3.77 26.73
N LYS A 32 -23.95 4.01 28.01
CA LYS A 32 -23.00 3.68 29.07
C LYS A 32 -22.86 2.16 29.29
N LEU A 33 -23.91 1.40 28.99
CA LEU A 33 -23.82 -0.05 29.08
C LEU A 33 -22.89 -0.58 28.01
N LEU A 34 -23.05 -0.07 26.80
CA LEU A 34 -22.20 -0.44 25.68
C LEU A 34 -20.83 0.20 25.83
N SER A 35 -20.75 1.23 26.66
CA SER A 35 -19.50 1.95 26.87
C SER A 35 -18.68 1.33 27.99
N PRO A 41 -23.52 -6.71 26.67
CA PRO A 41 -24.86 -7.24 26.41
C PRO A 41 -25.42 -6.76 25.07
N ILE A 42 -24.57 -6.70 24.06
CA ILE A 42 -24.94 -6.20 22.73
C ILE A 42 -26.12 -6.97 22.12
N ASP A 43 -26.04 -8.30 22.12
CA ASP A 43 -27.05 -9.10 21.44
C ASP A 43 -28.40 -9.11 22.15
N ASN A 44 -28.41 -8.74 23.42
CA ASN A 44 -29.68 -8.57 24.13
C ASN A 44 -30.31 -7.23 23.74
N ILE A 45 -29.47 -6.23 23.51
CA ILE A 45 -29.92 -4.94 22.99
C ILE A 45 -30.53 -5.12 21.60
N ILE A 46 -29.85 -5.90 20.78
CA ILE A 46 -30.32 -6.21 19.43
C ILE A 46 -31.61 -7.03 19.47
N ARG A 47 -31.66 -8.00 20.38
CA ARG A 47 -32.83 -8.86 20.51
C ARG A 47 -34.08 -8.05 20.84
N ALA A 48 -33.91 -6.99 21.61
CA ALA A 48 -35.02 -6.11 21.98
C ALA A 48 -35.40 -5.17 20.83
N GLY A 49 -34.62 -5.21 19.75
CA GLY A 49 -34.89 -4.40 18.58
C GLY A 49 -34.59 -2.91 18.77
N LEU A 50 -33.57 -2.62 19.55
CA LEU A 50 -33.26 -1.24 19.91
C LEU A 50 -32.44 -0.50 18.83
N ILE A 51 -31.82 -1.25 17.92
CA ILE A 51 -31.04 -0.64 16.85
C ILE A 51 -31.89 0.25 15.92
N PRO A 52 -33.07 -0.24 15.46
CA PRO A 52 -33.90 0.66 14.66
C PRO A 52 -34.40 1.89 15.42
N LYS A 53 -34.46 1.82 16.74
CA LYS A 53 -34.85 2.96 17.55
C LYS A 53 -33.73 4.00 17.54
N PHE A 54 -32.50 3.53 17.69
CA PHE A 54 -31.33 4.39 17.63
C PHE A 54 -31.23 5.09 16.28
N VAL A 55 -31.46 4.33 15.21
CA VAL A 55 -31.39 4.88 13.88
C VAL A 55 -32.46 5.96 13.66
N SER A 56 -33.67 5.73 14.18
CA SER A 56 -34.72 6.74 14.00
C SER A 56 -34.41 7.99 14.81
N PHE A 57 -33.81 7.81 15.98
CA PHE A 57 -33.38 8.94 16.81
C PHE A 57 -32.33 9.82 16.11
N LEU A 58 -31.61 9.25 15.15
CA LEU A 58 -30.62 10.03 14.39
C LEU A 58 -31.29 11.12 13.55
N GLY A 59 -32.57 10.92 13.25
CA GLY A 59 -33.33 11.87 12.45
C GLY A 59 -34.07 12.93 13.26
N LYS A 60 -33.93 12.89 14.58
CA LYS A 60 -34.52 13.93 15.42
C LYS A 60 -33.64 15.18 15.44
N THR A 61 -33.75 15.97 14.38
CA THR A 61 -32.93 17.18 14.19
C THR A 61 -33.13 18.20 15.30
N ASP A 62 -34.33 18.23 15.87
CA ASP A 62 -34.66 19.18 16.93
C ASP A 62 -34.10 18.76 18.27
N CYS A 63 -33.46 17.59 18.32
CA CYS A 63 -32.87 17.10 19.57
C CYS A 63 -31.49 16.51 19.33
N SER A 64 -30.49 17.37 19.17
CA SER A 64 -29.11 16.92 18.98
C SER A 64 -28.54 16.05 20.12
N PRO A 65 -28.96 16.27 21.38
CA PRO A 65 -28.48 15.35 22.42
C PRO A 65 -28.82 13.87 22.20
N ILE A 66 -30.05 13.57 21.78
CA ILE A 66 -30.41 12.17 21.56
C ILE A 66 -29.81 11.67 20.25
N GLN A 67 -29.49 12.60 19.34
CA GLN A 67 -28.77 12.25 18.12
C GLN A 67 -27.38 11.75 18.46
N PHE A 68 -26.68 12.53 19.27
CA PHE A 68 -25.34 12.17 19.73
C PHE A 68 -25.33 10.82 20.46
N GLU A 69 -26.27 10.64 21.38
CA GLU A 69 -26.31 9.43 22.17
C GLU A 69 -26.57 8.20 21.31
N SER A 70 -27.43 8.35 20.31
CA SER A 70 -27.77 7.24 19.42
C SER A 70 -26.61 6.87 18.50
N ALA A 71 -25.97 7.86 17.89
CA ALA A 71 -24.82 7.62 17.03
C ALA A 71 -23.76 6.85 17.80
N TRP A 72 -23.53 7.26 19.05
CA TRP A 72 -22.57 6.59 19.91
C TRP A 72 -22.94 5.12 20.10
N ALA A 73 -24.20 4.87 20.47
CA ALA A 73 -24.66 3.49 20.69
C ALA A 73 -24.50 2.65 19.44
N LEU A 74 -24.94 3.18 18.30
CA LEU A 74 -24.82 2.48 17.02
C LEU A 74 -23.37 2.22 16.65
N THR A 75 -22.47 3.11 17.08
CA THR A 75 -21.06 2.99 16.77
C THR A 75 -20.42 1.82 17.53
N ASN A 76 -20.75 1.71 18.81
CA ASN A 76 -20.24 0.61 19.64
C ASN A 76 -20.61 -0.75 19.07
N ILE A 77 -21.90 -0.93 18.78
CA ILE A 77 -22.41 -2.20 18.26
C ILE A 77 -21.76 -2.54 16.91
N ALA A 78 -21.51 -1.51 16.11
CA ALA A 78 -20.91 -1.68 14.80
C ALA A 78 -19.44 -2.10 14.88
N SER A 79 -18.81 -1.85 16.02
CA SER A 79 -17.40 -2.16 16.19
C SER A 79 -17.22 -3.60 16.71
N GLY A 80 -18.32 -4.33 16.85
CA GLY A 80 -18.28 -5.70 17.32
C GLY A 80 -18.07 -6.72 16.22
N THR A 81 -18.85 -7.80 16.25
CA THR A 81 -18.73 -8.87 15.27
C THR A 81 -19.40 -8.49 13.94
N SER A 82 -19.24 -9.34 12.92
CA SER A 82 -19.84 -9.09 11.62
C SER A 82 -21.37 -9.09 11.69
N GLU A 83 -21.92 -10.01 12.49
CA GLU A 83 -23.38 -10.12 12.62
C GLU A 83 -23.96 -8.85 13.21
N GLN A 84 -23.21 -8.24 14.12
CA GLN A 84 -23.67 -7.04 14.81
C GLN A 84 -23.48 -5.81 13.95
N THR A 85 -22.41 -5.80 13.15
CA THR A 85 -22.16 -4.68 12.24
C THR A 85 -23.22 -4.65 11.16
N LYS A 86 -23.58 -5.83 10.66
CA LYS A 86 -24.61 -5.92 9.61
C LYS A 86 -25.98 -5.63 10.23
N ALA A 87 -26.14 -5.96 11.50
CA ALA A 87 -27.34 -5.58 12.25
C ALA A 87 -27.49 -4.08 12.26
N VAL A 88 -26.39 -3.38 12.55
CA VAL A 88 -26.39 -1.93 12.55
C VAL A 88 -26.66 -1.43 11.14
N VAL A 89 -26.07 -2.08 10.15
CA VAL A 89 -26.21 -1.68 8.75
C VAL A 89 -27.62 -1.97 8.22
N ASP A 90 -28.09 -3.20 8.40
CA ASP A 90 -29.44 -3.54 7.97
C ASP A 90 -30.50 -2.82 8.81
N GLY A 91 -30.08 -2.28 9.95
CA GLY A 91 -30.92 -1.38 10.71
C GLY A 91 -31.02 -0.03 10.03
N GLY A 92 -30.12 0.23 9.08
CA GLY A 92 -30.19 1.43 8.27
C GLY A 92 -29.29 2.57 8.70
N ALA A 93 -28.21 2.24 9.38
CA ALA A 93 -27.29 3.25 9.91
C ALA A 93 -26.56 4.02 8.81
N ILE A 94 -26.30 3.38 7.67
CA ILE A 94 -25.52 4.00 6.61
C ILE A 94 -26.21 5.23 5.99
N PRO A 95 -27.48 5.09 5.55
CA PRO A 95 -28.09 6.31 5.00
C PRO A 95 -28.35 7.37 6.07
N ALA A 96 -28.67 6.93 7.28
CA ALA A 96 -28.89 7.86 8.39
C ALA A 96 -27.63 8.66 8.71
N PHE A 97 -26.48 7.99 8.75
CA PHE A 97 -25.22 8.65 9.06
C PHE A 97 -24.81 9.61 7.95
N ILE A 98 -25.05 9.22 6.71
CA ILE A 98 -24.75 10.06 5.56
C ILE A 98 -25.54 11.37 5.60
N SER A 99 -26.79 11.29 6.04
CA SER A 99 -27.64 12.47 6.18
C SER A 99 -27.08 13.43 7.22
N LEU A 100 -26.38 12.89 8.21
CA LEU A 100 -25.84 13.71 9.30
C LEU A 100 -24.48 14.34 8.98
N LEU A 101 -23.91 14.01 7.83
CA LEU A 101 -22.62 14.58 7.43
C LEU A 101 -22.71 16.10 7.28
N ALA A 102 -23.87 16.60 6.86
CA ALA A 102 -24.06 18.03 6.66
C ALA A 102 -24.80 18.68 7.84
N SER A 103 -24.79 18.01 8.98
CA SER A 103 -25.42 18.54 10.18
C SER A 103 -24.78 19.86 10.60
N PRO A 104 -25.61 20.84 11.00
CA PRO A 104 -25.09 22.12 11.50
C PRO A 104 -24.31 21.94 12.79
N HIS A 105 -24.53 20.82 13.46
CA HIS A 105 -23.74 20.44 14.63
C HIS A 105 -22.49 19.70 14.18
N ALA A 106 -21.35 20.34 14.31
CA ALA A 106 -20.07 19.80 13.84
C ALA A 106 -19.71 18.49 14.55
N HIS A 107 -20.00 18.42 15.84
CA HIS A 107 -19.67 17.23 16.63
C HIS A 107 -20.50 16.02 16.18
N ILE A 108 -21.71 16.29 15.70
CA ILE A 108 -22.57 15.23 15.18
C ILE A 108 -22.08 14.77 13.81
N SER A 109 -21.69 15.72 12.98
CA SER A 109 -21.09 15.42 11.68
C SER A 109 -19.85 14.53 11.86
N GLU A 110 -19.04 14.84 12.87
CA GLU A 110 -17.83 14.06 13.15
C GLU A 110 -18.14 12.62 13.54
N GLN A 111 -19.19 12.44 14.36
CA GLN A 111 -19.63 11.10 14.72
C GLN A 111 -20.00 10.30 13.49
N ALA A 112 -20.69 10.94 12.55
CA ALA A 112 -21.13 10.28 11.33
C ALA A 112 -19.95 9.87 10.46
N VAL A 113 -18.93 10.72 10.41
CA VAL A 113 -17.72 10.41 9.66
C VAL A 113 -17.03 9.17 10.21
N TRP A 114 -16.77 9.17 11.51
CA TRP A 114 -16.09 8.06 12.16
C TRP A 114 -16.87 6.76 11.99
N ALA A 115 -18.20 6.84 12.12
CA ALA A 115 -19.05 5.67 12.00
C ALA A 115 -19.01 5.09 10.58
N LEU A 116 -19.17 5.97 9.59
CA LEU A 116 -19.12 5.55 8.19
C LEU A 116 -17.75 4.97 7.85
N GLY A 117 -16.73 5.44 8.56
CA GLY A 117 -15.37 4.95 8.37
C GLY A 117 -15.18 3.50 8.78
N ASN A 118 -15.71 3.14 9.95
CA ASN A 118 -15.62 1.77 10.42
C ASN A 118 -16.40 0.81 9.54
N ILE A 119 -17.60 1.23 9.18
CA ILE A 119 -18.47 0.43 8.33
C ILE A 119 -17.81 0.13 6.99
N ALA A 120 -17.35 1.18 6.32
CA ALA A 120 -16.72 1.04 5.01
C ALA A 120 -15.42 0.22 5.08
N GLY A 121 -14.73 0.29 6.21
CA GLY A 121 -13.48 -0.45 6.39
C GLY A 121 -13.64 -1.93 6.74
N ASP A 122 -14.87 -2.44 6.67
CA ASP A 122 -15.12 -3.84 6.98
C ASP A 122 -14.86 -4.75 5.77
N GLY A 123 -15.28 -4.30 4.60
CA GLY A 123 -15.09 -5.06 3.37
C GLY A 123 -15.57 -4.28 2.16
N SER A 124 -15.40 -4.87 0.98
CA SER A 124 -15.80 -4.22 -0.27
C SER A 124 -17.31 -4.01 -0.34
N ALA A 125 -18.06 -4.97 0.18
CA ALA A 125 -19.51 -4.92 0.15
C ALA A 125 -20.05 -3.72 0.91
N PHE A 126 -19.63 -3.58 2.17
CA PHE A 126 -20.06 -2.47 3.00
C PHE A 126 -19.50 -1.15 2.49
N ARG A 127 -18.28 -1.21 1.94
CA ARG A 127 -17.65 -0.03 1.36
C ARG A 127 -18.48 0.51 0.20
N ASP A 128 -18.86 -0.38 -0.71
CA ASP A 128 -19.64 0.00 -1.88
C ASP A 128 -21.05 0.41 -1.50
N LEU A 129 -21.54 -0.14 -0.39
CA LEU A 129 -22.84 0.24 0.13
C LEU A 129 -22.80 1.70 0.61
N VAL A 130 -21.76 2.03 1.36
CA VAL A 130 -21.55 3.40 1.82
C VAL A 130 -21.44 4.34 0.62
N ILE A 131 -20.75 3.89 -0.43
CA ILE A 131 -20.60 4.66 -1.65
C ILE A 131 -21.93 4.81 -2.40
N LYS A 132 -22.67 3.71 -2.53
CA LYS A 132 -23.87 3.70 -3.35
C LYS A 132 -25.03 4.47 -2.72
N HIS A 133 -24.93 4.72 -1.41
CA HIS A 133 -25.89 5.58 -0.73
C HIS A 133 -25.44 7.03 -0.79
N GLY A 134 -24.32 7.26 -1.49
CA GLY A 134 -23.86 8.61 -1.79
C GLY A 134 -23.14 9.35 -0.68
N ALA A 135 -22.16 8.69 -0.06
CA ALA A 135 -21.44 9.32 1.04
C ALA A 135 -20.29 10.21 0.56
N ILE A 136 -19.79 9.96 -0.63
CA ILE A 136 -18.57 10.61 -1.10
C ILE A 136 -18.72 12.13 -1.27
N ASP A 137 -19.77 12.57 -1.96
CA ASP A 137 -19.97 14.00 -2.19
C ASP A 137 -20.05 14.81 -0.88
N PRO A 138 -20.88 14.39 0.10
CA PRO A 138 -20.86 15.19 1.32
C PRO A 138 -19.55 15.11 2.11
N LEU A 139 -18.83 13.99 2.03
CA LEU A 139 -17.53 13.86 2.67
C LEU A 139 -16.54 14.86 2.07
N LEU A 140 -16.51 14.91 0.74
CA LEU A 140 -15.60 15.79 0.03
C LEU A 140 -15.99 17.26 0.24
N ALA A 141 -17.28 17.50 0.43
CA ALA A 141 -17.76 18.85 0.68
C ALA A 141 -17.19 19.38 2.00
N LEU A 142 -17.12 18.50 2.99
CA LEU A 142 -16.57 18.85 4.29
C LEU A 142 -15.09 19.23 4.18
N LEU A 143 -14.39 18.64 3.21
CA LEU A 143 -12.96 18.89 3.02
C LEU A 143 -12.68 19.98 2.00
N ALA A 144 -13.72 20.58 1.45
CA ALA A 144 -13.59 21.58 0.40
C ALA A 144 -13.38 22.98 0.94
N VAL A 145 -13.12 23.09 2.25
CA VAL A 145 -12.90 24.38 2.88
C VAL A 145 -11.59 25.01 2.42
N PRO A 146 -11.53 26.35 2.35
CA PRO A 146 -10.30 27.04 1.94
C PRO A 146 -9.15 26.79 2.93
N ASP A 147 -9.47 26.73 4.22
CA ASP A 147 -8.47 26.47 5.25
C ASP A 147 -8.78 25.17 6.01
N LEU A 148 -7.92 24.18 5.83
CA LEU A 148 -8.10 22.89 6.52
C LEU A 148 -7.93 23.02 8.03
N SER A 149 -7.26 24.10 8.46
CA SER A 149 -7.02 24.31 9.88
C SER A 149 -8.28 24.73 10.64
N THR A 150 -9.33 25.07 9.89
CA THR A 150 -10.62 25.39 10.51
C THR A 150 -11.27 24.12 11.03
N LEU A 151 -10.82 22.98 10.52
CA LEU A 151 -11.32 21.68 10.97
C LEU A 151 -10.55 21.19 12.18
N ALA A 152 -11.25 20.56 13.11
CA ALA A 152 -10.61 19.91 14.25
C ALA A 152 -9.62 18.86 13.77
N CYS A 153 -8.46 18.77 14.42
CA CYS A 153 -7.43 17.83 14.02
C CYS A 153 -7.93 16.39 14.02
N GLY A 154 -8.72 16.04 15.03
CA GLY A 154 -9.34 14.73 15.08
C GLY A 154 -10.35 14.54 13.97
N TYR A 155 -11.09 15.61 13.68
CA TYR A 155 -12.09 15.63 12.60
C TYR A 155 -11.42 15.36 11.26
N LEU A 156 -10.35 16.11 11.00
CA LEU A 156 -9.62 16.01 9.75
C LEU A 156 -9.01 14.62 9.58
N ARG A 157 -8.45 14.09 10.66
CA ARG A 157 -7.88 12.75 10.64
C ARG A 157 -8.94 11.70 10.32
N ASN A 158 -10.10 11.81 10.96
CA ASN A 158 -11.19 10.87 10.71
C ASN A 158 -11.69 10.93 9.28
N LEU A 159 -11.80 12.15 8.75
CA LEU A 159 -12.20 12.35 7.35
C LEU A 159 -11.20 11.69 6.39
N THR A 160 -9.91 11.83 6.71
CA THR A 160 -8.87 11.26 5.85
C THR A 160 -8.90 9.75 5.93
N TRP A 161 -8.99 9.22 7.15
CA TRP A 161 -9.02 7.79 7.38
C TRP A 161 -10.23 7.14 6.70
N THR A 162 -11.35 7.85 6.67
CA THR A 162 -12.57 7.35 6.05
C THR A 162 -12.42 7.27 4.55
N LEU A 163 -11.80 8.29 3.97
CA LEU A 163 -11.54 8.31 2.53
C LEU A 163 -10.63 7.16 2.13
N SER A 164 -9.63 6.86 2.95
CA SER A 164 -8.71 5.78 2.62
C SER A 164 -9.43 4.44 2.66
N ASN A 165 -10.37 4.29 3.59
CA ASN A 165 -11.16 3.06 3.65
C ASN A 165 -12.06 2.91 2.42
N LEU A 166 -12.52 4.04 1.88
CA LEU A 166 -13.29 4.03 0.64
C LEU A 166 -12.40 3.67 -0.55
N CYS A 167 -11.10 3.82 -0.38
CA CYS A 167 -10.14 3.46 -1.43
C CYS A 167 -9.62 2.04 -1.25
N ARG A 168 -9.76 1.52 -0.03
CA ARG A 168 -9.16 0.24 0.33
C ARG A 168 -9.93 -0.93 -0.26
N ASN A 169 -9.29 -2.10 -0.22
CA ASN A 169 -9.87 -3.40 -0.58
C ASN A 169 -10.07 -3.58 -2.08
N LYS A 170 -9.86 -4.81 -2.51
CA LYS A 170 -10.19 -5.23 -3.87
C LYS A 170 -11.27 -6.29 -3.79
N ASN A 171 -11.42 -7.05 -4.87
CA ASN A 171 -12.46 -8.06 -4.97
C ASN A 171 -13.86 -7.58 -4.57
N PRO A 172 -14.41 -6.58 -5.29
CA PRO A 172 -13.80 -5.81 -6.38
C PRO A 172 -13.13 -4.54 -5.88
N ALA A 173 -12.34 -3.89 -6.74
CA ALA A 173 -11.79 -2.58 -6.43
C ALA A 173 -12.92 -1.56 -6.43
N PRO A 174 -12.75 -0.44 -5.72
CA PRO A 174 -13.77 0.61 -5.71
C PRO A 174 -14.13 1.07 -7.12
N PRO A 175 -15.38 1.53 -7.31
CA PRO A 175 -15.83 2.02 -8.63
C PRO A 175 -14.94 3.14 -9.15
N LEU A 176 -14.68 3.13 -10.46
CA LEU A 176 -13.80 4.10 -11.09
C LEU A 176 -14.24 5.54 -10.85
N ASP A 177 -15.53 5.81 -10.96
CA ASP A 177 -16.04 7.17 -10.76
C ASP A 177 -15.81 7.64 -9.33
N ALA A 178 -15.90 6.72 -8.38
CA ALA A 178 -15.66 7.03 -6.98
C ALA A 178 -14.22 7.45 -6.76
N VAL A 179 -13.29 6.65 -7.24
CA VAL A 179 -11.87 6.93 -7.12
C VAL A 179 -11.52 8.25 -7.81
N GLU A 180 -12.16 8.49 -8.95
CA GLU A 180 -11.94 9.71 -9.72
C GLU A 180 -12.33 10.96 -8.93
N GLN A 181 -13.44 10.86 -8.20
CA GLN A 181 -13.94 11.98 -7.40
C GLN A 181 -13.07 12.24 -6.17
N ILE A 182 -12.54 11.17 -5.59
CA ILE A 182 -11.78 11.25 -4.34
C ILE A 182 -10.34 11.72 -4.55
N LEU A 183 -9.72 11.28 -5.65
CA LEU A 183 -8.28 11.49 -5.87
C LEU A 183 -7.76 12.92 -5.71
N PRO A 184 -8.43 13.93 -6.31
CA PRO A 184 -7.87 15.29 -6.15
C PRO A 184 -7.81 15.76 -4.70
N THR A 185 -8.76 15.33 -3.88
CA THR A 185 -8.75 15.68 -2.47
C THR A 185 -7.55 15.01 -1.75
N LEU A 186 -7.27 13.76 -2.11
CA LEU A 186 -6.12 13.04 -1.56
C LEU A 186 -4.80 13.74 -1.87
N VAL A 187 -4.73 14.34 -3.06
CA VAL A 187 -3.53 15.04 -3.49
C VAL A 187 -3.29 16.26 -2.59
N ARG A 188 -4.36 16.97 -2.28
CA ARG A 188 -4.28 18.15 -1.42
C ARG A 188 -3.92 17.77 0.02
N LEU A 189 -4.39 16.61 0.47
CA LEU A 189 -4.11 16.16 1.83
C LEU A 189 -2.64 15.75 1.95
N LEU A 190 -2.04 15.39 0.82
CA LEU A 190 -0.61 15.06 0.78
C LEU A 190 0.26 16.29 1.07
N HIS A 191 -0.33 17.48 1.00
CA HIS A 191 0.38 18.71 1.29
C HIS A 191 0.16 19.17 2.74
N HIS A 192 -0.49 18.35 3.54
CA HIS A 192 -0.74 18.70 4.93
C HIS A 192 0.51 18.45 5.76
N ASN A 193 0.52 18.89 7.01
CA ASN A 193 1.71 18.74 7.84
C ASN A 193 1.52 17.75 9.00
N ASP A 194 0.28 17.33 9.24
CA ASP A 194 0.01 16.36 10.30
C ASP A 194 0.42 14.96 9.84
N PRO A 195 1.31 14.30 10.60
CA PRO A 195 1.85 12.97 10.28
C PRO A 195 0.77 11.92 10.04
N GLU A 196 -0.30 11.95 10.83
CA GLU A 196 -1.35 10.95 10.69
C GLU A 196 -2.18 11.19 9.43
N VAL A 197 -2.48 12.45 9.14
CA VAL A 197 -3.17 12.79 7.90
C VAL A 197 -2.34 12.35 6.69
N LEU A 198 -1.04 12.62 6.74
CA LEU A 198 -0.13 12.24 5.66
C LEU A 198 -0.06 10.73 5.47
N ALA A 199 0.03 10.00 6.59
CA ALA A 199 0.10 8.54 6.56
C ALA A 199 -1.10 7.91 5.86
N ASP A 200 -2.30 8.29 6.31
CA ASP A 200 -3.53 7.73 5.77
C ASP A 200 -3.73 8.09 4.30
N SER A 201 -3.36 9.32 3.95
CA SER A 201 -3.45 9.76 2.56
C SER A 201 -2.52 8.93 1.69
N CYS A 202 -1.33 8.64 2.20
CA CYS A 202 -0.37 7.82 1.47
C CYS A 202 -0.87 6.38 1.35
N TRP A 203 -1.48 5.87 2.42
CA TRP A 203 -2.07 4.53 2.37
C TRP A 203 -3.17 4.48 1.33
N ALA A 204 -3.99 5.53 1.27
CA ALA A 204 -5.05 5.61 0.28
C ALA A 204 -4.47 5.52 -1.13
N ILE A 205 -3.40 6.26 -1.38
CA ILE A 205 -2.73 6.24 -2.67
C ILE A 205 -2.16 4.85 -2.98
N SER A 206 -1.61 4.19 -1.96
CA SER A 206 -1.04 2.86 -2.14
C SER A 206 -2.11 1.83 -2.51
N TYR A 207 -3.33 2.02 -2.01
CA TYR A 207 -4.43 1.13 -2.33
C TYR A 207 -4.85 1.29 -3.79
N LEU A 208 -4.91 2.54 -4.24
CA LEU A 208 -5.39 2.85 -5.58
C LEU A 208 -4.37 2.44 -6.65
N THR A 209 -3.09 2.48 -6.31
CA THR A 209 -2.04 2.10 -7.24
C THR A 209 -1.76 0.59 -7.20
N ASP A 210 -2.46 -0.11 -6.33
CA ASP A 210 -2.34 -1.56 -6.22
C ASP A 210 -3.36 -2.24 -7.14
N GLY A 211 -3.11 -2.16 -8.44
CA GLY A 211 -3.99 -2.75 -9.43
C GLY A 211 -3.42 -2.61 -10.82
N PRO A 212 -4.26 -2.82 -11.85
CA PRO A 212 -3.89 -2.70 -13.26
C PRO A 212 -3.34 -1.32 -13.61
N ASN A 213 -2.67 -1.19 -14.75
CA ASN A 213 -2.05 0.07 -15.15
C ASN A 213 -3.04 1.22 -15.25
N GLU A 214 -4.30 0.90 -15.52
CA GLU A 214 -5.34 1.92 -15.63
C GLU A 214 -5.56 2.63 -14.30
N ARG A 215 -5.51 1.87 -13.22
CA ARG A 215 -5.64 2.43 -11.88
C ARG A 215 -4.42 3.29 -11.55
N ILE A 216 -3.25 2.84 -11.99
CA ILE A 216 -2.02 3.61 -11.81
C ILE A 216 -2.08 4.92 -12.58
N GLU A 217 -2.59 4.86 -13.81
CA GLU A 217 -2.63 6.02 -14.68
C GLU A 217 -3.52 7.13 -14.12
N MET A 218 -4.65 6.75 -13.53
CA MET A 218 -5.54 7.72 -12.89
C MET A 218 -4.81 8.51 -11.82
N VAL A 219 -4.06 7.79 -10.99
CA VAL A 219 -3.32 8.39 -9.89
C VAL A 219 -2.20 9.29 -10.41
N VAL A 220 -1.40 8.76 -11.33
CA VAL A 220 -0.25 9.47 -11.84
C VAL A 220 -0.65 10.74 -12.60
N LYS A 221 -1.76 10.67 -13.33
CA LYS A 221 -2.22 11.81 -14.12
C LYS A 221 -2.67 12.99 -13.25
N LYS A 222 -2.93 12.73 -11.97
CA LYS A 222 -3.36 13.79 -11.06
C LYS A 222 -2.20 14.66 -10.58
N GLY A 223 -0.98 14.23 -10.88
CA GLY A 223 0.21 14.98 -10.50
C GLY A 223 0.61 14.72 -9.05
N VAL A 224 0.43 13.48 -8.62
CA VAL A 224 0.66 13.13 -7.22
C VAL A 224 2.10 12.69 -6.94
N VAL A 225 2.82 12.32 -8.00
CA VAL A 225 4.16 11.74 -7.84
C VAL A 225 5.17 12.69 -7.17
N PRO A 226 5.24 13.97 -7.58
CA PRO A 226 6.25 14.82 -6.92
C PRO A 226 6.07 14.95 -5.41
N GLN A 227 4.83 14.95 -4.94
CA GLN A 227 4.59 15.09 -3.51
C GLN A 227 4.86 13.78 -2.78
N LEU A 228 4.64 12.66 -3.47
CA LEU A 228 4.96 11.35 -2.90
C LEU A 228 6.46 11.23 -2.67
N VAL A 229 7.23 11.67 -3.66
CA VAL A 229 8.68 11.62 -3.59
C VAL A 229 9.21 12.45 -2.43
N LYS A 230 8.61 13.62 -2.23
CA LYS A 230 8.97 14.46 -1.09
C LYS A 230 8.68 13.74 0.23
N LEU A 231 7.53 13.08 0.31
CA LEU A 231 7.14 12.37 1.54
C LEU A 231 8.03 11.15 1.75
N LEU A 232 8.59 10.63 0.66
CA LEU A 232 9.55 9.53 0.72
C LEU A 232 10.77 9.91 1.55
N GLY A 233 11.08 11.20 1.59
CA GLY A 233 12.24 11.70 2.32
C GLY A 233 11.93 12.13 3.74
N ALA A 234 10.69 11.93 4.18
CA ALA A 234 10.28 12.30 5.54
C ALA A 234 11.03 11.47 6.59
N THR A 235 11.00 11.95 7.83
CA THR A 235 11.69 11.25 8.91
C THR A 235 10.74 10.28 9.61
N GLU A 236 9.45 10.59 9.58
CA GLU A 236 8.45 9.73 10.20
C GLU A 236 8.26 8.46 9.40
N LEU A 237 8.66 7.34 10.00
CA LEU A 237 8.47 6.01 9.43
C LEU A 237 7.02 5.70 9.03
N PRO A 238 6.03 6.08 9.88
CA PRO A 238 4.65 5.84 9.44
C PRO A 238 4.25 6.63 8.20
N ILE A 239 5.09 7.58 7.78
CA ILE A 239 4.86 8.31 6.55
C ILE A 239 5.64 7.69 5.40
N VAL A 240 6.89 7.33 5.66
CA VAL A 240 7.77 6.78 4.63
C VAL A 240 7.24 5.44 4.12
N THR A 241 6.74 4.61 5.02
CA THR A 241 6.31 3.26 4.68
C THR A 241 5.21 3.25 3.61
N PRO A 242 4.13 4.01 3.78
CA PRO A 242 3.15 3.98 2.68
C PRO A 242 3.58 4.79 1.45
N ALA A 243 4.36 5.84 1.64
CA ALA A 243 4.91 6.58 0.51
C ALA A 243 5.73 5.66 -0.38
N LEU A 244 6.58 4.84 0.24
CA LEU A 244 7.43 3.91 -0.50
C LEU A 244 6.59 2.85 -1.20
N ARG A 245 5.57 2.37 -0.51
CA ARG A 245 4.64 1.41 -1.10
C ARG A 245 3.96 1.98 -2.34
N ALA A 246 3.49 3.22 -2.24
CA ALA A 246 2.81 3.88 -3.35
C ALA A 246 3.74 4.08 -4.54
N ILE A 247 4.93 4.61 -4.28
CA ILE A 247 5.95 4.76 -5.33
C ILE A 247 6.27 3.41 -5.95
N GLY A 248 6.42 2.40 -5.10
CA GLY A 248 6.73 1.05 -5.56
C GLY A 248 5.68 0.49 -6.49
N ASN A 249 4.41 0.69 -6.13
CA ASN A 249 3.29 0.25 -6.95
C ASN A 249 3.29 0.94 -8.31
N ILE A 250 3.64 2.22 -8.32
CA ILE A 250 3.62 3.00 -9.55
C ILE A 250 4.68 2.48 -10.54
N VAL A 251 5.87 2.16 -10.05
CA VAL A 251 6.94 1.72 -10.94
C VAL A 251 6.79 0.25 -11.36
N THR A 252 5.69 -0.37 -10.98
CA THR A 252 5.36 -1.70 -11.49
C THR A 252 4.65 -1.55 -12.83
N GLY A 253 4.32 -0.30 -13.17
CA GLY A 253 3.54 -0.02 -14.36
C GLY A 253 4.37 0.11 -15.61
N THR A 254 3.93 0.98 -16.53
CA THR A 254 4.63 1.17 -17.80
C THR A 254 5.94 1.93 -17.60
N ASP A 255 6.75 1.94 -18.66
CA ASP A 255 8.02 2.65 -18.62
C ASP A 255 7.82 4.15 -18.42
N GLU A 256 6.77 4.71 -19.02
CA GLU A 256 6.57 6.16 -18.93
C GLU A 256 6.04 6.54 -17.56
N GLN A 257 5.20 5.69 -16.95
CA GLN A 257 4.76 5.90 -15.58
C GLN A 257 5.96 5.83 -14.63
N THR A 258 6.86 4.90 -14.90
CA THR A 258 8.07 4.76 -14.11
C THR A 258 8.99 5.97 -14.30
N GLN A 259 8.97 6.52 -15.51
CA GLN A 259 9.81 7.67 -15.84
C GLN A 259 9.44 8.89 -15.00
N LYS A 260 8.14 9.06 -14.74
CA LYS A 260 7.66 10.21 -14.00
C LYS A 260 8.12 10.16 -12.54
N VAL A 261 8.30 8.95 -12.02
CA VAL A 261 8.89 8.78 -10.70
C VAL A 261 10.35 9.21 -10.73
N ILE A 262 11.07 8.79 -11.76
CA ILE A 262 12.47 9.14 -11.92
C ILE A 262 12.66 10.64 -12.09
N ASP A 263 11.82 11.25 -12.93
CA ASP A 263 11.92 12.69 -13.20
C ASP A 263 11.58 13.53 -11.98
N ALA A 264 10.89 12.93 -11.02
CA ALA A 264 10.54 13.61 -9.78
C ALA A 264 11.71 13.61 -8.80
N GLY A 265 12.78 12.91 -9.14
CA GLY A 265 13.98 12.85 -8.32
C GLY A 265 13.96 11.80 -7.21
N ALA A 266 13.17 10.74 -7.41
CA ALA A 266 13.04 9.70 -6.39
C ALA A 266 14.35 8.97 -6.10
N LEU A 267 15.19 8.82 -7.12
CA LEU A 267 16.42 8.03 -6.99
C LEU A 267 17.39 8.61 -5.97
N ALA A 268 17.31 9.90 -5.72
CA ALA A 268 18.20 10.57 -4.77
C ALA A 268 17.93 10.16 -3.32
N VAL A 269 16.73 9.68 -3.05
CA VAL A 269 16.36 9.27 -1.69
C VAL A 269 16.85 7.86 -1.37
N PHE A 270 17.08 7.07 -2.41
CA PHE A 270 17.35 5.65 -2.23
C PHE A 270 18.69 5.25 -1.58
N PRO A 271 19.71 6.13 -1.61
CA PRO A 271 20.87 5.74 -0.79
C PRO A 271 20.53 5.59 0.70
N SER A 272 19.62 6.43 1.22
CA SER A 272 19.21 6.33 2.61
C SER A 272 18.20 5.19 2.81
N LEU A 273 17.33 4.99 1.83
CA LEU A 273 16.33 3.92 1.89
C LEU A 273 16.97 2.54 1.88
N LEU A 274 17.96 2.34 1.02
CA LEU A 274 18.61 1.05 0.87
C LEU A 274 19.51 0.71 2.05
N THR A 275 19.79 1.72 2.89
CA THR A 275 20.64 1.51 4.05
C THR A 275 19.87 1.75 5.34
N ASN A 276 18.56 1.92 5.22
CA ASN A 276 17.69 2.11 6.38
C ASN A 276 17.71 0.90 7.29
N PRO A 277 17.91 1.13 8.60
CA PRO A 277 18.02 0.04 9.59
C PRO A 277 16.75 -0.81 9.69
N LYS A 278 15.60 -0.26 9.31
CA LYS A 278 14.36 -1.03 9.33
C LYS A 278 14.31 -1.97 8.13
N THR A 279 14.15 -3.26 8.42
CA THR A 279 14.21 -4.31 7.41
C THR A 279 13.16 -4.13 6.31
N ASN A 280 11.92 -3.86 6.70
CA ASN A 280 10.83 -3.68 5.75
C ASN A 280 11.10 -2.58 4.74
N ILE A 281 11.67 -1.47 5.21
CA ILE A 281 11.98 -0.35 4.34
C ILE A 281 13.04 -0.73 3.32
N GLN A 282 14.08 -1.41 3.79
CA GLN A 282 15.14 -1.89 2.91
C GLN A 282 14.60 -2.80 1.81
N LYS A 283 13.76 -3.76 2.22
CA LYS A 283 13.21 -4.74 1.30
C LYS A 283 12.37 -4.10 0.20
N GLU A 284 11.44 -3.23 0.59
CA GLU A 284 10.54 -2.61 -0.38
C GLU A 284 11.25 -1.54 -1.23
N ALA A 285 12.32 -0.96 -0.70
CA ALA A 285 13.13 -0.04 -1.50
C ALA A 285 13.89 -0.84 -2.56
N THR A 286 14.35 -2.02 -2.17
CA THR A 286 15.07 -2.89 -3.09
C THR A 286 14.09 -3.46 -4.13
N TRP A 287 12.90 -3.83 -3.68
CA TRP A 287 11.82 -4.23 -4.58
C TRP A 287 11.54 -3.14 -5.61
N THR A 288 11.46 -1.90 -5.12
CA THR A 288 11.22 -0.74 -5.96
C THR A 288 12.33 -0.58 -7.00
N MET A 289 13.58 -0.73 -6.56
CA MET A 289 14.73 -0.67 -7.45
C MET A 289 14.66 -1.75 -8.52
N SER A 290 14.20 -2.94 -8.14
CA SER A 290 14.14 -4.06 -9.08
C SER A 290 13.23 -3.74 -10.25
N ASN A 291 12.17 -2.99 -9.99
CA ASN A 291 11.22 -2.61 -11.04
C ASN A 291 11.71 -1.44 -11.89
N ILE A 292 12.62 -0.66 -11.34
CA ILE A 292 13.22 0.44 -12.07
C ILE A 292 14.31 -0.10 -13.01
N THR A 293 15.07 -1.09 -12.55
CA THR A 293 16.06 -1.75 -13.41
C THR A 293 15.40 -2.67 -14.43
N ALA A 294 14.10 -2.89 -14.26
CA ALA A 294 13.30 -3.63 -15.23
C ALA A 294 12.87 -2.71 -16.38
N GLY A 295 13.25 -1.44 -16.29
CA GLY A 295 12.87 -0.45 -17.27
C GLY A 295 13.83 -0.36 -18.45
N ARG A 296 13.81 0.78 -19.13
CA ARG A 296 14.62 1.00 -20.34
C ARG A 296 16.09 1.27 -20.01
N GLN A 297 16.93 1.28 -21.04
CA GLN A 297 18.35 1.51 -20.89
C GLN A 297 18.64 2.89 -20.31
N ASP A 298 17.89 3.89 -20.72
CA ASP A 298 18.06 5.25 -20.21
C ASP A 298 17.65 5.34 -18.74
N GLN A 299 16.75 4.45 -18.32
CA GLN A 299 16.30 4.45 -16.93
C GLN A 299 17.32 3.72 -16.06
N ILE A 300 17.85 2.62 -16.57
CA ILE A 300 18.95 1.93 -15.93
C ILE A 300 20.16 2.86 -15.74
N GLN A 301 20.45 3.67 -16.76
CA GLN A 301 21.56 4.62 -16.68
C GLN A 301 21.36 5.63 -15.55
N GLN A 302 20.11 5.96 -15.26
CA GLN A 302 19.79 6.87 -14.16
C GLN A 302 20.10 6.23 -12.80
N VAL A 303 19.93 4.92 -12.72
CA VAL A 303 20.29 4.19 -11.50
C VAL A 303 21.80 4.26 -11.32
N VAL A 304 22.52 4.09 -12.42
CA VAL A 304 23.97 4.20 -12.43
C VAL A 304 24.44 5.59 -12.00
N ASN A 305 23.93 6.62 -12.66
CA ASN A 305 24.37 8.00 -12.42
C ASN A 305 24.15 8.47 -10.99
N HIS A 306 23.15 7.91 -10.33
CA HIS A 306 22.87 8.27 -8.94
C HIS A 306 23.75 7.49 -7.97
N GLY A 307 24.62 6.65 -8.52
CA GLY A 307 25.53 5.86 -7.71
C GLY A 307 24.83 4.84 -6.84
N LEU A 308 23.79 4.21 -7.39
CA LEU A 308 22.99 3.26 -6.62
C LEU A 308 23.47 1.82 -6.77
N VAL A 309 24.27 1.55 -7.80
CA VAL A 309 24.73 0.19 -8.06
C VAL A 309 25.59 -0.38 -6.91
N PRO A 310 26.54 0.41 -6.37
CA PRO A 310 27.24 -0.13 -5.19
C PRO A 310 26.32 -0.38 -3.99
N PHE A 311 25.24 0.39 -3.88
CA PHE A 311 24.27 0.17 -2.81
C PHE A 311 23.52 -1.14 -3.02
N LEU A 312 23.15 -1.43 -4.27
CA LEU A 312 22.49 -2.67 -4.61
C LEU A 312 23.41 -3.86 -4.39
N VAL A 313 24.68 -3.69 -4.75
CA VAL A 313 25.70 -4.70 -4.49
C VAL A 313 25.80 -4.94 -2.99
N GLY A 314 25.73 -3.85 -2.23
CA GLY A 314 25.80 -3.93 -0.78
C GLY A 314 24.63 -4.71 -0.20
N VAL A 315 23.44 -4.43 -0.71
CA VAL A 315 22.24 -5.12 -0.25
C VAL A 315 22.30 -6.62 -0.57
N LEU A 316 22.76 -6.93 -1.78
CA LEU A 316 22.88 -8.33 -2.21
C LEU A 316 23.86 -9.09 -1.32
N SER A 317 24.79 -8.37 -0.70
CA SER A 317 25.85 -8.99 0.09
C SER A 317 25.53 -9.11 1.58
N LYS A 318 24.94 -8.06 2.16
CA LYS A 318 24.89 -7.96 3.61
C LYS A 318 23.49 -7.79 4.20
N ALA A 319 22.47 -8.23 3.48
CA ALA A 319 21.10 -8.08 3.96
C ALA A 319 20.46 -9.42 4.31
N ASP A 320 19.29 -9.36 4.94
CA ASP A 320 18.51 -10.56 5.21
C ASP A 320 18.13 -11.20 3.87
N PHE A 321 17.94 -12.52 3.89
CA PHE A 321 17.81 -13.30 2.67
C PHE A 321 16.71 -12.84 1.72
N LYS A 322 15.54 -12.50 2.26
CA LYS A 322 14.43 -12.10 1.40
C LYS A 322 14.67 -10.73 0.75
N THR A 323 15.47 -9.90 1.41
CA THR A 323 15.90 -8.64 0.80
C THR A 323 16.98 -8.93 -0.24
N GLN A 324 17.80 -9.93 0.03
CA GLN A 324 18.82 -10.39 -0.91
C GLN A 324 18.16 -10.91 -2.20
N LYS A 325 17.01 -11.55 -2.06
CA LYS A 325 16.27 -12.06 -3.21
C LYS A 325 15.77 -10.92 -4.09
N GLU A 326 15.31 -9.85 -3.45
CA GLU A 326 14.87 -8.67 -4.17
C GLU A 326 16.03 -8.00 -4.87
N ALA A 327 17.21 -8.06 -4.24
CA ALA A 327 18.42 -7.50 -4.84
C ALA A 327 18.82 -8.33 -6.05
N ALA A 328 18.63 -9.65 -5.97
CA ALA A 328 18.97 -10.53 -7.07
C ALA A 328 18.06 -10.28 -8.26
N TRP A 329 16.80 -9.92 -7.97
CA TRP A 329 15.87 -9.54 -9.01
C TRP A 329 16.30 -8.24 -9.69
N ALA A 330 16.79 -7.30 -8.89
CA ALA A 330 17.24 -6.02 -9.41
C ALA A 330 18.43 -6.20 -10.35
N ILE A 331 19.34 -7.08 -9.95
CA ILE A 331 20.53 -7.38 -10.74
C ILE A 331 20.18 -8.07 -12.06
N THR A 332 19.30 -9.06 -12.01
CA THR A 332 18.93 -9.80 -13.21
C THR A 332 18.17 -8.90 -14.20
N ASN A 333 17.26 -8.07 -13.67
CA ASN A 333 16.55 -7.10 -14.49
C ASN A 333 17.52 -6.10 -15.11
N TYR A 334 18.57 -5.76 -14.37
CA TYR A 334 19.62 -4.87 -14.82
C TYR A 334 20.34 -5.48 -16.03
N THR A 335 20.69 -6.76 -15.91
CA THR A 335 21.47 -7.42 -16.95
C THR A 335 20.62 -7.78 -18.17
N SER A 336 19.30 -7.80 -18.00
CA SER A 336 18.40 -8.16 -19.09
C SER A 336 18.19 -6.99 -20.06
N GLY A 337 18.06 -5.80 -19.51
CA GLY A 337 17.80 -4.62 -20.33
C GLY A 337 19.01 -3.72 -20.51
N GLY A 338 20.04 -3.91 -19.67
CA GLY A 338 21.21 -3.05 -19.71
C GLY A 338 22.07 -3.21 -20.95
N THR A 339 22.92 -2.22 -21.20
CA THR A 339 23.89 -2.30 -22.29
C THR A 339 25.12 -3.07 -21.82
N VAL A 340 25.95 -3.47 -22.78
CA VAL A 340 27.17 -4.20 -22.47
C VAL A 340 28.05 -3.36 -21.54
N GLU A 341 28.05 -2.06 -21.80
CA GLU A 341 28.80 -1.10 -20.99
C GLU A 341 28.25 -1.01 -19.56
N GLN A 342 26.93 -1.01 -19.43
CA GLN A 342 26.32 -0.97 -18.12
C GLN A 342 26.60 -2.24 -17.33
N ILE A 343 26.72 -3.36 -18.04
CA ILE A 343 26.99 -4.65 -17.42
C ILE A 343 28.46 -4.74 -16.98
N VAL A 344 29.35 -4.18 -17.78
CA VAL A 344 30.77 -4.11 -17.41
C VAL A 344 30.96 -3.35 -16.11
N TYR A 345 30.32 -2.20 -16.01
CA TYR A 345 30.37 -1.40 -14.79
C TYR A 345 29.79 -2.17 -13.61
N LEU A 346 28.75 -2.95 -13.86
CA LEU A 346 28.14 -3.76 -12.80
C LEU A 346 29.15 -4.77 -12.25
N VAL A 347 29.85 -5.46 -13.15
CA VAL A 347 30.90 -6.40 -12.76
C VAL A 347 32.03 -5.73 -11.98
N HIS A 348 32.37 -4.50 -12.35
CA HIS A 348 33.43 -3.77 -11.66
C HIS A 348 33.04 -3.39 -10.24
N CYS A 349 31.74 -3.30 -9.98
CA CYS A 349 31.27 -3.01 -8.62
C CYS A 349 31.28 -4.26 -7.74
N GLY A 350 31.75 -5.38 -8.29
CA GLY A 350 31.96 -6.58 -7.51
C GLY A 350 30.70 -7.42 -7.33
N ILE A 351 29.95 -7.58 -8.40
CA ILE A 351 28.66 -8.27 -8.35
C ILE A 351 28.82 -9.79 -8.33
N ILE A 352 29.93 -10.29 -8.86
CA ILE A 352 30.05 -11.73 -9.09
C ILE A 352 30.04 -12.56 -7.82
N GLU A 353 30.89 -12.22 -6.84
CA GLU A 353 30.99 -13.03 -5.63
C GLU A 353 29.70 -13.10 -4.80
N PRO A 354 29.05 -11.96 -4.51
CA PRO A 354 27.80 -12.10 -3.74
C PRO A 354 26.72 -12.85 -4.53
N LEU A 355 26.77 -12.75 -5.85
CA LEU A 355 25.85 -13.48 -6.71
C LEU A 355 26.08 -14.98 -6.60
N MET A 356 27.35 -15.38 -6.57
CA MET A 356 27.71 -16.79 -6.46
C MET A 356 27.36 -17.34 -5.08
N ASN A 357 27.57 -16.54 -4.04
CA ASN A 357 27.26 -16.96 -2.67
C ASN A 357 25.81 -17.39 -2.50
N LEU A 358 24.92 -16.78 -3.28
CA LEU A 358 23.49 -17.06 -3.17
C LEU A 358 23.03 -18.23 -4.04
N LEU A 359 23.93 -18.79 -4.82
CA LEU A 359 23.64 -19.94 -5.66
C LEU A 359 23.47 -21.21 -4.82
N SER A 360 23.83 -21.11 -3.55
CA SER A 360 23.72 -22.24 -2.64
C SER A 360 22.46 -22.16 -1.79
N ALA A 361 21.66 -21.12 -2.02
CA ALA A 361 20.41 -20.93 -1.29
C ALA A 361 19.45 -22.07 -1.60
N LYS A 362 18.58 -22.40 -0.64
CA LYS A 362 17.65 -23.51 -0.80
C LYS A 362 16.39 -23.07 -1.55
N ASP A 363 16.38 -21.83 -2.02
CA ASP A 363 15.25 -21.28 -2.73
C ASP A 363 15.41 -21.43 -4.24
N THR A 364 14.49 -22.18 -4.85
CA THR A 364 14.54 -22.46 -6.29
C THR A 364 14.44 -21.21 -7.14
N LYS A 365 13.63 -20.25 -6.70
CA LYS A 365 13.37 -19.05 -7.50
C LYS A 365 14.60 -18.17 -7.65
N ILE A 366 15.35 -17.97 -6.57
CA ILE A 366 16.50 -17.09 -6.62
C ILE A 366 17.62 -17.74 -7.45
N ILE A 367 17.66 -19.07 -7.48
CA ILE A 367 18.64 -19.79 -8.28
C ILE A 367 18.38 -19.56 -9.76
N GLN A 368 17.12 -19.71 -10.17
CA GLN A 368 16.71 -19.42 -11.54
C GLN A 368 17.05 -17.99 -11.94
N VAL A 369 16.81 -17.06 -11.03
CA VAL A 369 17.03 -15.64 -11.25
C VAL A 369 18.51 -15.31 -11.40
N ILE A 370 19.35 -15.90 -10.55
CA ILE A 370 20.79 -15.66 -10.59
C ILE A 370 21.43 -16.29 -11.82
N LEU A 371 21.00 -17.50 -12.15
CA LEU A 371 21.49 -18.18 -13.35
C LEU A 371 21.16 -17.37 -14.61
N ASP A 372 20.01 -16.71 -14.61
CA ASP A 372 19.63 -15.84 -15.70
C ASP A 372 20.56 -14.62 -15.77
N ALA A 373 20.96 -14.11 -14.62
CA ALA A 373 21.87 -12.98 -14.56
C ALA A 373 23.24 -13.37 -15.10
N ILE A 374 23.74 -14.52 -14.66
CA ILE A 374 25.01 -15.06 -15.12
C ILE A 374 25.01 -15.24 -16.64
N SER A 375 23.93 -15.83 -17.16
CA SER A 375 23.78 -16.03 -18.59
C SER A 375 23.84 -14.71 -19.36
N ASN A 376 23.18 -13.69 -18.84
CA ASN A 376 23.17 -12.37 -19.47
C ASN A 376 24.54 -11.71 -19.45
N ILE A 377 25.27 -11.91 -18.36
CA ILE A 377 26.60 -11.34 -18.21
C ILE A 377 27.58 -12.02 -19.16
N PHE A 378 27.42 -13.32 -19.36
CA PHE A 378 28.24 -14.06 -20.32
C PHE A 378 28.00 -13.58 -21.75
N GLN A 379 26.74 -13.32 -22.07
CA GLN A 379 26.40 -12.81 -23.40
C GLN A 379 27.07 -11.46 -23.66
N ALA A 380 27.28 -10.69 -22.60
CA ALA A 380 27.98 -9.42 -22.71
C ALA A 380 29.48 -9.66 -22.88
N ALA A 381 30.01 -10.59 -22.11
CA ALA A 381 31.43 -10.96 -22.17
C ALA A 381 31.80 -11.47 -23.55
N GLU A 382 30.86 -12.19 -24.16
CA GLU A 382 31.06 -12.72 -25.50
C GLU A 382 31.28 -11.61 -26.51
N LYS A 383 30.45 -10.58 -26.43
CA LYS A 383 30.56 -9.43 -27.31
C LYS A 383 31.82 -8.62 -26.99
N LEU A 384 32.44 -8.92 -25.86
CA LEU A 384 33.71 -8.30 -25.49
C LEU A 384 34.90 -9.17 -25.86
N GLY A 385 34.65 -10.45 -26.08
CA GLY A 385 35.72 -11.43 -26.25
C GLY A 385 36.43 -11.68 -24.94
N GLU A 386 35.69 -11.62 -23.83
CA GLU A 386 36.26 -11.77 -22.50
C GLU A 386 35.64 -12.90 -21.71
N THR A 387 35.12 -13.92 -22.41
CA THR A 387 34.42 -15.02 -21.76
C THR A 387 35.32 -15.82 -20.83
N GLU A 388 36.57 -16.05 -21.25
CA GLU A 388 37.49 -16.82 -20.43
C GLU A 388 37.76 -16.13 -19.10
N LYS A 389 38.00 -14.82 -19.15
CA LYS A 389 38.25 -14.06 -17.93
C LYS A 389 37.03 -14.05 -17.01
N LEU A 390 35.84 -13.97 -17.58
CA LEU A 390 34.63 -14.04 -16.78
C LEU A 390 34.52 -15.42 -16.15
N SER A 391 34.83 -16.45 -16.94
CA SER A 391 34.83 -17.82 -16.45
C SER A 391 35.80 -17.99 -15.28
N ILE A 392 37.01 -17.47 -15.45
CA ILE A 392 38.04 -17.55 -14.42
C ILE A 392 37.62 -16.78 -13.17
N MET A 393 36.98 -15.63 -13.38
CA MET A 393 36.46 -14.82 -12.27
C MET A 393 35.39 -15.57 -11.48
N ILE A 394 34.47 -16.22 -12.19
CA ILE A 394 33.39 -16.96 -11.56
C ILE A 394 33.94 -18.16 -10.79
N GLU A 395 34.97 -18.80 -11.34
CA GLU A 395 35.61 -19.92 -10.66
C GLU A 395 36.28 -19.48 -9.37
N GLU A 396 36.99 -18.36 -9.43
CA GLU A 396 37.80 -17.91 -8.31
C GLU A 396 36.99 -17.41 -7.11
N CYS A 397 35.67 -17.32 -7.28
CA CYS A 397 34.81 -16.94 -6.16
C CYS A 397 33.84 -18.08 -5.81
N GLY A 398 34.20 -19.30 -6.19
CA GLY A 398 33.44 -20.48 -5.81
C GLY A 398 32.18 -20.72 -6.62
N GLY A 399 32.03 -20.00 -7.72
CA GLY A 399 30.87 -20.12 -8.56
C GLY A 399 30.76 -21.44 -9.31
N LEU A 400 31.89 -21.90 -9.85
CA LEU A 400 31.91 -23.12 -10.66
C LEU A 400 31.44 -24.34 -9.88
N ASP A 401 31.87 -24.46 -8.63
CA ASP A 401 31.50 -25.59 -7.78
C ASP A 401 29.99 -25.62 -7.55
N LYS A 402 29.39 -24.44 -7.43
CA LYS A 402 27.96 -24.32 -7.16
C LYS A 402 27.11 -24.55 -8.40
N ILE A 403 27.57 -24.03 -9.53
CA ILE A 403 26.87 -24.21 -10.79
C ILE A 403 26.84 -25.69 -11.17
N GLU A 404 27.93 -26.40 -10.92
CA GLU A 404 27.99 -27.81 -11.24
C GLU A 404 27.09 -28.64 -10.33
N ALA A 405 27.04 -28.28 -9.04
CA ALA A 405 26.18 -28.97 -8.10
C ALA A 405 24.72 -28.78 -8.50
N LEU A 406 24.43 -27.69 -9.18
CA LEU A 406 23.08 -27.36 -9.60
C LEU A 406 22.63 -28.17 -10.82
N GLN A 407 23.51 -29.01 -11.35
CA GLN A 407 23.13 -29.88 -12.45
C GLN A 407 22.34 -31.07 -11.94
N ARG A 408 22.45 -31.34 -10.64
CA ARG A 408 21.69 -32.41 -10.03
C ARG A 408 20.52 -31.85 -9.22
N HIS A 409 20.03 -30.69 -9.66
CA HIS A 409 18.89 -30.04 -9.02
C HIS A 409 17.59 -30.66 -9.54
N GLU A 410 16.54 -30.60 -8.75
CA GLU A 410 15.28 -31.26 -9.09
C GLU A 410 14.44 -30.45 -10.08
N ASN A 411 14.67 -29.14 -10.13
CA ASN A 411 13.87 -28.26 -10.98
C ASN A 411 14.40 -28.19 -12.41
N GLU A 412 13.49 -28.32 -13.37
CA GLU A 412 13.84 -28.39 -14.78
C GLU A 412 14.54 -27.15 -15.30
N SER A 413 14.02 -25.98 -14.95
CA SER A 413 14.63 -24.72 -15.38
C SER A 413 16.05 -24.58 -14.84
N VAL A 414 16.26 -25.07 -13.62
CA VAL A 414 17.56 -24.96 -12.98
C VAL A 414 18.59 -25.91 -13.58
N TYR A 415 18.26 -27.19 -13.73
CA TYR A 415 19.28 -28.10 -14.23
C TYR A 415 19.54 -27.88 -15.73
N LYS A 416 18.56 -27.32 -16.44
CA LYS A 416 18.77 -27.01 -17.85
C LYS A 416 19.73 -25.84 -18.01
N ALA A 417 19.50 -24.78 -17.25
CA ALA A 417 20.33 -23.59 -17.33
C ALA A 417 21.76 -23.85 -16.88
N SER A 418 21.92 -24.50 -15.73
CA SER A 418 23.25 -24.79 -15.20
C SER A 418 24.00 -25.76 -16.11
N LEU A 419 23.28 -26.69 -16.72
CA LEU A 419 23.87 -27.61 -17.68
C LEU A 419 24.38 -26.83 -18.88
N ASN A 420 23.54 -25.91 -19.35
CA ASN A 420 23.90 -25.07 -20.48
C ASN A 420 25.15 -24.27 -20.19
N LEU A 421 25.20 -23.60 -19.04
CA LEU A 421 26.35 -22.80 -18.66
C LEU A 421 27.65 -23.60 -18.59
N ILE A 422 27.57 -24.81 -18.04
CA ILE A 422 28.75 -25.66 -17.89
C ILE A 422 29.32 -26.08 -19.24
N GLU A 423 28.46 -26.65 -20.08
CA GLU A 423 28.85 -27.11 -21.41
C GLU A 423 29.38 -25.97 -22.28
N LYS A 424 28.92 -24.76 -21.99
CA LYS A 424 29.12 -23.62 -22.86
C LYS A 424 30.36 -22.80 -22.51
N TYR A 425 30.66 -22.70 -21.22
CA TYR A 425 31.73 -21.81 -20.78
C TYR A 425 32.77 -22.49 -19.88
N PHE A 426 32.45 -23.69 -19.41
CA PHE A 426 33.36 -24.44 -18.55
C PHE A 426 33.62 -25.83 -19.11
N SER B 4 15.76 -7.40 -25.26
CA SER B 4 14.92 -7.82 -24.14
C SER B 4 14.86 -6.73 -23.07
N GLN B 5 14.14 -7.02 -21.99
CA GLN B 5 13.98 -6.06 -20.90
C GLN B 5 13.62 -6.81 -19.62
N GLY B 6 13.84 -6.18 -18.47
CA GLY B 6 13.60 -6.81 -17.19
C GLY B 6 12.14 -7.10 -16.89
N THR B 7 11.89 -7.72 -15.73
CA THR B 7 10.55 -8.15 -15.35
C THR B 7 9.93 -7.29 -14.26
N LYS B 8 8.83 -6.62 -14.59
CA LYS B 8 8.06 -5.90 -13.58
C LYS B 8 7.35 -6.87 -12.64
N ARG B 9 7.43 -6.62 -11.34
CA ARG B 9 6.75 -7.46 -10.35
C ARG B 9 5.90 -6.61 -9.41
N SER B 10 4.59 -6.87 -9.40
CA SER B 10 3.70 -6.16 -8.49
C SER B 10 3.97 -6.56 -7.06
N TYR B 11 3.41 -5.81 -6.12
CA TYR B 11 3.63 -6.06 -4.70
C TYR B 11 3.27 -7.48 -4.30
N GLU B 12 2.16 -7.99 -4.82
CA GLU B 12 1.71 -9.34 -4.50
C GLU B 12 2.62 -10.38 -5.16
N GLN B 13 3.22 -10.02 -6.29
CA GLN B 13 4.16 -10.90 -6.96
C GLN B 13 5.49 -10.98 -6.19
N MET B 14 5.78 -9.96 -5.39
CA MET B 14 6.99 -9.97 -4.56
C MET B 14 6.85 -10.90 -3.38
N GLU B 15 5.71 -10.79 -2.69
CA GLU B 15 5.42 -11.60 -1.53
C GLU B 15 4.66 -12.87 -1.93
#